data_3QZP
#
_entry.id   3QZP
#
_cell.length_a   52.465
_cell.length_b   51.707
_cell.length_c   55.747
_cell.angle_alpha   90.000
_cell.angle_beta   92.080
_cell.angle_gamma   90.000
#
_symmetry.space_group_name_H-M   'P 1 21 1'
#
loop_
_entity.id
_entity.type
_entity.pdbx_description
1 polymer 'Iron-regulated surface determinant protein A'
2 non-polymer 'PROTOPORPHYRIN IX CONTAINING CO'
3 non-polymer GLYCEROL
4 non-polymer 'SULFATE ION'
5 water water
#
_entity_poly.entity_id   1
_entity_poly.type   'polypeptide(L)'
_entity_poly.pdbx_seq_one_letter_code
;GSHMSQATSQPINFQVQKDGSSEKSHMDDYMQHPGKVIKQNNKYYFQTVLNNASFWKEYKFYNANNQELATTVVNDNKKA
DTRTINVAVEPGYKSLTTKVHIVVPQINYNHRYTTHLEFEKAIPTLA
;
_entity_poly.pdbx_strand_id   A,B
#
loop_
_chem_comp.id
_chem_comp.type
_chem_comp.name
_chem_comp.formula
COH non-polymer 'PROTOPORPHYRIN IX CONTAINING CO' 'C34 H32 Co N4 O4'
GOL non-polymer GLYCEROL 'C3 H8 O3'
SO4 non-polymer 'SULFATE ION' 'O4 S -2'
#
# COMPACT_ATOMS: atom_id res chain seq x y z
N MET A 4 -16.71 -4.94 7.77
CA MET A 4 -16.09 -3.84 8.56
C MET A 4 -14.98 -4.31 9.49
N SER A 5 -14.07 -3.39 9.81
CA SER A 5 -12.97 -3.65 10.73
C SER A 5 -12.80 -2.50 11.72
N GLN A 6 -12.35 -2.83 12.92
CA GLN A 6 -11.99 -1.84 13.92
C GLN A 6 -10.56 -2.08 14.38
N ALA A 7 -9.83 -0.99 14.56
CA ALA A 7 -8.40 -1.05 14.86
C ALA A 7 -7.97 -0.13 15.98
N THR A 8 -7.06 -0.62 16.81
N THR A 8 -7.11 -0.63 16.86
CA THR A 8 -6.45 0.13 17.89
CA THR A 8 -6.45 0.21 17.84
C THR A 8 -4.93 0.02 17.78
C THR A 8 -4.94 0.09 17.64
N SER A 9 -4.20 1.11 18.04
CA SER A 9 -2.75 1.10 17.87
C SER A 9 -1.99 1.89 18.92
N GLN A 10 -0.73 1.54 19.10
CA GLN A 10 0.21 2.35 19.86
C GLN A 10 1.63 2.22 19.30
N PRO A 11 2.51 3.20 19.62
CA PRO A 11 3.88 3.10 19.12
C PRO A 11 4.63 1.96 19.79
N ILE A 12 5.59 1.37 19.08
CA ILE A 12 6.54 0.46 19.71
C ILE A 12 7.91 0.67 19.08
N ASN A 13 8.92 0.81 19.93
CA ASN A 13 10.25 0.98 19.40
C ASN A 13 10.97 -0.36 19.26
N PHE A 14 12.09 -0.33 18.57
CA PHE A 14 12.82 -1.54 18.24
C PHE A 14 14.21 -1.16 17.77
N GLN A 15 15.10 -2.17 17.75
CA GLN A 15 16.39 -2.05 17.11
C GLN A 15 16.71 -3.33 16.35
N VAL A 16 17.11 -3.18 15.09
CA VAL A 16 17.61 -4.28 14.30
C VAL A 16 19.06 -4.52 14.67
N GLN A 17 19.38 -5.77 14.99
CA GLN A 17 20.69 -6.17 15.47
C GLN A 17 21.32 -7.22 14.54
N LYS A 18 22.64 -7.33 14.62
CA LYS A 18 23.42 -8.13 13.68
C LYS A 18 23.22 -9.62 13.95
N ASP A 19 23.35 -10.41 12.90
CA ASP A 19 23.32 -11.86 13.04
C ASP A 19 24.42 -12.33 13.98
N GLY A 20 24.03 -13.03 15.03
CA GLY A 20 24.96 -13.68 15.96
C GLY A 20 25.40 -12.77 17.07
N SER A 21 24.75 -11.61 17.19
CA SER A 21 25.27 -10.51 18.00
C SER A 21 24.13 -9.65 18.56
N SER A 22 24.44 -8.85 19.59
N SER A 22 24.41 -8.86 19.61
CA SER A 22 23.52 -7.83 20.09
CA SER A 22 23.44 -7.91 20.14
C SER A 22 23.86 -6.44 19.52
C SER A 22 23.73 -6.49 19.66
N GLU A 23 24.92 -6.36 18.72
N GLU A 23 24.77 -6.35 18.84
CA GLU A 23 25.33 -5.10 18.11
CA GLU A 23 25.18 -5.04 18.34
C GLU A 23 24.23 -4.54 17.21
C GLU A 23 24.23 -4.53 17.26
N LYS A 24 24.11 -3.21 17.16
CA LYS A 24 23.22 -2.58 16.19
C LYS A 24 23.66 -3.00 14.77
N SER A 25 22.71 -3.44 13.96
CA SER A 25 22.90 -3.63 12.52
C SER A 25 22.69 -2.32 11.75
N HIS A 26 23.45 -2.11 10.68
CA HIS A 26 23.21 -0.89 9.92
C HIS A 26 21.84 -0.91 9.21
N MET A 27 21.25 -2.11 9.11
CA MET A 27 19.84 -2.26 8.68
C MET A 27 18.86 -1.42 9.52
N ASP A 28 19.18 -1.25 10.81
CA ASP A 28 18.35 -0.41 11.69
C ASP A 28 18.13 0.99 11.11
N ASP A 29 19.12 1.52 10.39
CA ASP A 29 19.03 2.86 9.81
C ASP A 29 18.04 2.92 8.64
N TYR A 30 17.71 1.77 8.08
CA TYR A 30 16.81 1.69 6.92
C TYR A 30 15.35 1.40 7.24
N MET A 31 15.01 1.48 8.53
CA MET A 31 13.62 1.39 8.97
C MET A 31 13.34 2.57 9.87
N GLN A 32 12.12 3.11 9.81
CA GLN A 32 11.77 4.28 10.62
C GLN A 32 11.47 3.90 12.08
N HIS A 33 11.63 4.87 12.99
CA HIS A 33 11.47 4.60 14.43
C HIS A 33 10.64 5.70 15.06
N PRO A 34 9.77 5.36 16.02
CA PRO A 34 9.42 3.99 16.42
C PRO A 34 8.50 3.37 15.36
N GLY A 35 8.21 2.08 15.51
CA GLY A 35 7.18 1.43 14.69
C GLY A 35 5.85 1.54 15.42
N LYS A 36 4.92 0.66 15.04
CA LYS A 36 3.57 0.72 15.61
C LYS A 36 3.07 -0.71 15.83
N VAL A 37 2.33 -0.93 16.91
CA VAL A 37 1.56 -2.16 17.05
C VAL A 37 0.09 -1.81 16.79
N ILE A 38 -0.57 -2.62 15.96
CA ILE A 38 -1.98 -2.43 15.62
C ILE A 38 -2.74 -3.70 15.98
N LYS A 39 -3.91 -3.53 16.61
CA LYS A 39 -4.86 -4.63 16.78
C LYS A 39 -6.05 -4.36 15.85
N GLN A 40 -6.20 -5.21 14.85
N GLN A 40 -6.22 -5.21 14.85
CA GLN A 40 -7.18 -5.02 13.80
CA GLN A 40 -7.30 -5.04 13.88
C GLN A 40 -8.05 -6.26 13.66
C GLN A 40 -8.14 -6.30 13.86
N ASN A 41 -9.29 -6.18 14.14
N ASN A 41 -9.43 -6.17 14.15
CA ASN A 41 -10.20 -7.32 14.11
CA ASN A 41 -10.32 -7.33 14.20
C ASN A 41 -9.61 -8.52 14.87
C ASN A 41 -9.65 -8.51 14.89
N ASN A 42 -9.22 -8.26 16.13
CA ASN A 42 -8.54 -9.25 16.99
C ASN A 42 -7.25 -9.90 16.41
N LYS A 43 -6.68 -9.27 15.40
CA LYS A 43 -5.38 -9.69 14.85
C LYS A 43 -4.32 -8.61 15.07
N TYR A 44 -3.10 -9.05 15.36
CA TYR A 44 -2.02 -8.12 15.70
C TYR A 44 -0.99 -7.95 14.58
N TYR A 45 -0.56 -6.71 14.38
CA TYR A 45 0.44 -6.38 13.36
C TYR A 45 1.49 -5.47 13.97
N PHE A 46 2.73 -5.67 13.55
CA PHE A 46 3.77 -4.67 13.68
C PHE A 46 3.85 -3.90 12.35
N GLN A 47 3.55 -2.61 12.40
CA GLN A 47 3.58 -1.76 11.21
C GLN A 47 4.89 -0.97 11.21
N THR A 48 5.62 -1.08 10.10
CA THR A 48 6.95 -0.49 10.00
C THR A 48 7.14 0.14 8.62
N VAL A 49 8.00 1.15 8.55
CA VAL A 49 8.23 1.88 7.30
C VAL A 49 9.64 1.58 6.83
N LEU A 50 9.76 1.07 5.61
CA LEU A 50 11.07 0.77 5.03
C LEU A 50 11.58 2.00 4.28
N ASN A 51 12.80 2.44 4.61
CA ASN A 51 13.50 3.52 3.89
C ASN A 51 14.19 2.96 2.65
N ASN A 52 14.35 3.78 1.62
CA ASN A 52 14.86 3.31 0.33
C ASN A 52 14.23 1.94 -0.05
N ALA A 53 12.89 1.91 -0.04
CA ALA A 53 12.08 0.73 -0.31
C ALA A 53 12.45 0.01 -1.60
N SER A 54 12.85 0.79 -2.61
CA SER A 54 13.28 0.25 -3.90
C SER A 54 14.47 -0.70 -3.78
N PHE A 55 15.27 -0.56 -2.72
CA PHE A 55 16.45 -1.43 -2.52
C PHE A 55 16.08 -2.80 -1.96
N TRP A 56 14.92 -2.88 -1.30
CA TRP A 56 14.52 -4.13 -0.66
C TRP A 56 13.88 -5.05 -1.69
N LYS A 57 14.68 -5.92 -2.33
CA LYS A 57 14.13 -6.77 -3.39
C LYS A 57 13.20 -7.84 -2.82
N GLU A 58 13.60 -8.41 -1.68
CA GLU A 58 12.79 -9.37 -0.93
C GLU A 58 13.01 -9.15 0.57
N TYR A 59 11.99 -9.46 1.36
CA TYR A 59 12.10 -9.48 2.83
C TYR A 59 11.15 -10.55 3.36
N LYS A 60 11.58 -11.30 4.37
CA LYS A 60 10.72 -12.26 5.08
C LYS A 60 10.98 -12.11 6.57
N PHE A 61 9.91 -12.25 7.35
CA PHE A 61 9.98 -12.15 8.78
C PHE A 61 9.58 -13.48 9.41
N TYR A 62 10.23 -13.82 10.53
CA TYR A 62 9.94 -15.07 11.25
C TYR A 62 9.98 -14.75 12.73
N ASN A 63 9.29 -15.55 13.53
CA ASN A 63 9.46 -15.42 14.97
C ASN A 63 10.70 -16.19 15.44
N ALA A 64 10.99 -16.13 16.73
CA ALA A 64 12.19 -16.76 17.27
C ALA A 64 12.19 -18.27 17.08
N ASN A 65 11.01 -18.85 16.92
CA ASN A 65 10.86 -20.28 16.68
C ASN A 65 10.73 -20.64 15.20
N ASN A 66 11.07 -19.67 14.34
CA ASN A 66 11.11 -19.87 12.88
C ASN A 66 9.74 -19.98 12.16
N GLN A 67 8.65 -19.67 12.86
CA GLN A 67 7.34 -19.54 12.18
C GLN A 67 7.35 -18.34 11.25
N GLU A 68 6.70 -18.47 10.10
CA GLU A 68 6.57 -17.37 9.14
C GLU A 68 5.57 -16.34 9.62
N LEU A 69 5.86 -15.07 9.33
CA LEU A 69 5.00 -13.98 9.73
C LEU A 69 4.67 -13.25 8.46
N ALA A 70 3.42 -13.38 8.03
CA ALA A 70 2.98 -12.79 6.76
C ALA A 70 3.07 -11.26 6.78
N THR A 71 3.42 -10.69 5.63
CA THR A 71 3.48 -9.24 5.51
C THR A 71 2.45 -8.76 4.49
N THR A 72 1.97 -7.54 4.68
CA THR A 72 0.99 -6.94 3.81
C THR A 72 1.44 -5.52 3.55
N VAL A 73 1.43 -5.10 2.29
CA VAL A 73 1.82 -3.71 1.97
C VAL A 73 0.63 -2.79 2.22
N VAL A 74 0.85 -1.70 2.95
N VAL A 74 0.90 -1.72 2.96
CA VAL A 74 -0.24 -0.75 3.16
CA VAL A 74 -0.08 -0.71 3.35
C VAL A 74 0.01 0.62 2.54
C VAL A 74 0.02 0.55 2.51
N ASN A 75 1.26 0.91 2.18
CA ASN A 75 1.58 2.13 1.45
C ASN A 75 2.89 1.95 0.70
N ASP A 76 2.95 2.53 -0.50
CA ASP A 76 4.20 2.69 -1.26
C ASP A 76 4.29 4.16 -1.64
N ASN A 77 5.34 4.84 -1.21
CA ASN A 77 5.53 6.26 -1.53
C ASN A 77 6.73 6.37 -2.46
N LYS A 78 6.45 6.51 -3.76
CA LYS A 78 7.51 6.61 -4.77
C LYS A 78 8.43 7.82 -4.56
N LYS A 79 7.84 8.97 -4.22
CA LYS A 79 8.62 10.21 -4.04
C LYS A 79 9.62 10.09 -2.89
N ALA A 80 9.15 9.55 -1.77
CA ALA A 80 10.01 9.36 -0.62
C ALA A 80 10.82 8.06 -0.69
N ASP A 81 10.48 7.19 -1.65
CA ASP A 81 11.05 5.82 -1.76
C ASP A 81 10.89 5.06 -0.40
N THR A 82 9.67 5.04 0.10
CA THR A 82 9.33 4.29 1.30
C THR A 82 8.20 3.31 1.04
N ARG A 83 8.16 2.28 1.86
CA ARG A 83 7.08 1.29 1.84
C ARG A 83 6.66 1.06 3.28
N THR A 84 5.36 1.12 3.53
CA THR A 84 4.81 0.79 4.84
C THR A 84 4.24 -0.64 4.77
N ILE A 85 4.66 -1.49 5.70
CA ILE A 85 4.13 -2.86 5.77
C ILE A 85 3.58 -3.19 7.14
N ASN A 86 2.61 -4.11 7.15
CA ASN A 86 2.17 -4.78 8.39
C ASN A 86 2.77 -6.18 8.43
N VAL A 87 3.37 -6.54 9.57
CA VAL A 87 3.91 -7.87 9.81
C VAL A 87 3.02 -8.52 10.86
N ALA A 88 2.43 -9.68 10.53
CA ALA A 88 1.54 -10.39 11.45
C ALA A 88 2.31 -10.89 12.68
N VAL A 89 1.90 -10.46 13.86
CA VAL A 89 2.63 -10.84 15.08
C VAL A 89 1.64 -11.36 16.12
N GLU A 90 2.12 -11.67 17.31
CA GLU A 90 1.24 -12.09 18.41
C GLU A 90 1.71 -11.39 19.65
N PRO A 91 0.77 -11.10 20.59
CA PRO A 91 1.21 -10.52 21.87
C PRO A 91 2.27 -11.39 22.51
N GLY A 92 3.24 -10.74 23.14
CA GLY A 92 4.35 -11.45 23.77
C GLY A 92 5.63 -11.60 22.96
N TYR A 93 5.53 -11.39 21.65
CA TYR A 93 6.72 -11.46 20.79
C TYR A 93 7.74 -10.41 21.21
N LYS A 94 8.99 -10.84 21.34
CA LYS A 94 10.09 -9.96 21.75
C LYS A 94 11.06 -9.70 20.61
N SER A 95 11.17 -10.65 19.70
CA SER A 95 12.06 -10.44 18.55
C SER A 95 11.53 -11.07 17.28
N LEU A 96 11.97 -10.53 16.14
CA LEU A 96 11.68 -11.12 14.86
C LEU A 96 13.01 -11.41 14.19
N THR A 97 13.05 -12.49 13.43
CA THR A 97 14.15 -12.73 12.55
C THR A 97 13.75 -12.18 11.20
N THR A 98 14.67 -11.47 10.54
CA THR A 98 14.37 -11.03 9.19
C THR A 98 15.42 -11.60 8.23
N LYS A 99 14.98 -11.94 7.02
CA LYS A 99 15.88 -12.34 5.95
C LYS A 99 15.55 -11.43 4.79
N VAL A 100 16.55 -10.68 4.35
CA VAL A 100 16.33 -9.65 3.34
C VAL A 100 17.26 -9.85 2.16
N HIS A 101 16.77 -9.50 0.98
CA HIS A 101 17.59 -9.47 -0.24
C HIS A 101 17.62 -8.03 -0.72
N ILE A 102 18.78 -7.40 -0.59
CA ILE A 102 18.94 -5.98 -0.85
C ILE A 102 19.73 -5.82 -2.14
N VAL A 103 19.17 -5.04 -3.06
CA VAL A 103 19.82 -4.80 -4.34
C VAL A 103 19.86 -3.31 -4.67
N VAL A 104 21.07 -2.80 -4.82
CA VAL A 104 21.29 -1.44 -5.25
C VAL A 104 22.06 -1.54 -6.58
N PRO A 105 21.34 -1.65 -7.73
CA PRO A 105 21.99 -1.97 -9.03
C PRO A 105 23.03 -0.99 -9.59
N GLN A 106 22.98 0.30 -9.21
CA GLN A 106 23.96 1.27 -9.75
C GLN A 106 25.37 0.98 -9.22
N ILE A 107 25.45 0.49 -7.98
CA ILE A 107 26.72 0.09 -7.38
C ILE A 107 26.93 -1.44 -7.34
N ASN A 108 26.10 -2.19 -8.08
CA ASN A 108 26.23 -3.66 -8.12
C ASN A 108 26.25 -4.27 -6.72
N TYR A 109 25.40 -3.76 -5.84
CA TYR A 109 25.30 -4.29 -4.50
C TYR A 109 24.12 -5.25 -4.48
N ASN A 110 24.38 -6.49 -4.08
CA ASN A 110 23.40 -7.54 -4.21
C ASN A 110 23.71 -8.58 -3.14
N HIS A 111 22.96 -8.52 -2.05
CA HIS A 111 23.29 -9.32 -0.88
C HIS A 111 22.05 -9.84 -0.16
N ARG A 112 22.18 -11.02 0.45
CA ARG A 112 21.16 -11.56 1.33
C ARG A 112 21.69 -11.57 2.77
N TYR A 113 20.87 -11.10 3.70
CA TYR A 113 21.28 -11.03 5.10
C TYR A 113 20.20 -11.58 6.00
N THR A 114 20.62 -12.07 7.16
CA THR A 114 19.70 -12.40 8.25
C THR A 114 20.04 -11.48 9.41
N THR A 115 19.02 -10.83 9.96
CA THR A 115 19.22 -10.03 11.16
C THR A 115 18.10 -10.36 12.13
N HIS A 116 18.17 -9.79 13.32
CA HIS A 116 17.08 -9.93 14.28
C HIS A 116 16.60 -8.57 14.77
N LEU A 117 15.30 -8.35 14.69
CA LEU A 117 14.69 -7.07 15.08
C LEU A 117 14.18 -7.27 16.49
N GLU A 118 14.70 -6.46 17.41
CA GLU A 118 14.39 -6.61 18.83
C GLU A 118 13.43 -5.52 19.30
N PHE A 119 12.24 -5.89 19.77
CA PHE A 119 11.30 -4.89 20.26
C PHE A 119 11.79 -4.37 21.62
N GLU A 120 11.52 -3.09 21.90
CA GLU A 120 11.92 -2.47 23.17
C GLU A 120 11.22 -3.16 24.35
N LYS A 121 9.96 -3.48 24.16
CA LYS A 121 9.24 -4.35 25.08
C LYS A 121 8.45 -5.36 24.22
N ALA A 122 7.97 -6.44 24.82
CA ALA A 122 7.14 -7.41 24.09
C ALA A 122 5.90 -6.73 23.49
N ILE A 123 5.46 -7.22 22.32
CA ILE A 123 4.18 -6.82 21.75
C ILE A 123 3.13 -6.94 22.86
N PRO A 124 2.37 -5.85 23.13
CA PRO A 124 1.34 -5.91 24.19
C PRO A 124 0.03 -6.48 23.71
N THR A 125 -0.84 -6.86 24.65
CA THR A 125 -2.26 -7.02 24.35
C THR A 125 -2.86 -5.62 24.32
N LEU A 126 -3.74 -5.36 23.36
CA LEU A 126 -4.40 -4.07 23.27
C LEU A 126 -5.90 -4.28 23.45
N ALA A 127 -6.60 -3.22 23.90
CA ALA A 127 -8.05 -3.27 24.05
C ALA A 127 -8.75 -2.79 22.79
N HIS B 3 -5.15 6.49 18.05
CA HIS B 3 -5.64 5.36 18.91
C HIS B 3 -6.57 4.42 18.15
N MET B 4 -7.84 4.81 17.98
CA MET B 4 -8.84 3.95 17.35
C MET B 4 -9.27 4.45 15.97
N SER B 5 -9.61 3.49 15.10
CA SER B 5 -10.10 3.76 13.75
C SER B 5 -11.10 2.68 13.31
N GLN B 6 -12.01 3.05 12.42
CA GLN B 6 -13.00 2.13 11.90
C GLN B 6 -12.96 2.12 10.37
N ALA B 7 -13.09 0.93 9.78
CA ALA B 7 -13.10 0.78 8.32
C ALA B 7 -14.26 -0.08 7.83
N THR B 8 -14.78 0.25 6.65
N THR B 8 -14.76 0.26 6.64
CA THR B 8 -15.74 -0.60 5.98
CA THR B 8 -15.86 -0.45 5.97
C THR B 8 -15.56 -0.46 4.48
C THR B 8 -15.59 -0.43 4.47
N SER B 9 -15.94 -1.50 3.75
CA SER B 9 -15.76 -1.53 2.31
C SER B 9 -16.86 -2.29 1.59
N GLN B 10 -17.05 -1.96 0.32
CA GLN B 10 -17.84 -2.78 -0.58
C GLN B 10 -17.41 -2.63 -2.03
N PRO B 11 -17.69 -3.66 -2.87
CA PRO B 11 -17.39 -3.54 -4.29
C PRO B 11 -18.15 -2.41 -4.96
N ILE B 12 -17.51 -1.77 -5.94
CA ILE B 12 -18.21 -0.87 -6.86
C ILE B 12 -17.67 -1.08 -8.26
N ASN B 13 -18.60 -1.31 -9.19
N ASN B 13 -18.57 -1.27 -9.23
CA ASN B 13 -18.33 -1.48 -10.63
CA ASN B 13 -18.14 -1.46 -10.58
C ASN B 13 -18.05 -0.10 -11.24
C ASN B 13 -18.13 -0.12 -11.30
N PHE B 14 -17.41 -0.06 -12.41
CA PHE B 14 -17.14 1.20 -13.09
C PHE B 14 -16.75 0.88 -14.52
N GLN B 15 -16.88 1.89 -15.38
CA GLN B 15 -16.34 1.81 -16.74
C GLN B 15 -15.63 3.10 -17.10
N VAL B 16 -14.41 2.96 -17.61
CA VAL B 16 -13.68 4.10 -18.13
C VAL B 16 -14.15 4.36 -19.56
N GLN B 17 -14.46 5.62 -19.84
CA GLN B 17 -15.08 6.01 -21.10
C GLN B 17 -14.24 7.08 -21.80
N LYS B 18 -14.37 7.15 -23.12
N LYS B 18 -14.36 7.14 -23.12
CA LYS B 18 -13.53 8.02 -23.94
CA LYS B 18 -13.51 8.02 -23.93
C LYS B 18 -13.84 9.50 -23.70
C LYS B 18 -13.84 9.48 -23.71
N ASP B 19 -12.82 10.33 -23.88
CA ASP B 19 -12.99 11.79 -23.79
C ASP B 19 -14.05 12.25 -24.79
N GLY B 20 -15.05 12.97 -24.29
CA GLY B 20 -16.11 13.55 -25.12
C GLY B 20 -17.16 12.57 -25.61
N SER B 21 -17.32 11.46 -24.89
CA SER B 21 -18.12 10.33 -25.38
C SER B 21 -18.55 9.40 -24.23
N SER B 22 -19.58 8.58 -24.45
CA SER B 22 -19.95 7.55 -23.46
C SER B 22 -19.39 6.17 -23.84
N GLU B 23 -18.67 6.14 -24.97
CA GLU B 23 -18.02 4.94 -25.48
C GLU B 23 -16.93 4.43 -24.53
N LYS B 24 -16.85 3.10 -24.40
CA LYS B 24 -15.81 2.45 -23.59
C LYS B 24 -14.44 2.91 -24.08
N SER B 25 -13.59 3.33 -23.15
CA SER B 25 -12.17 3.58 -23.43
C SER B 25 -11.39 2.27 -23.29
N HIS B 26 -10.38 2.06 -24.15
CA HIS B 26 -9.59 0.85 -24.01
C HIS B 26 -8.71 0.93 -22.73
N MET B 27 -8.61 2.11 -22.13
CA MET B 27 -8.09 2.22 -20.73
C MET B 27 -8.86 1.34 -19.74
N ASP B 28 -10.15 1.12 -19.99
CA ASP B 28 -10.94 0.24 -19.10
C ASP B 28 -10.32 -1.15 -18.98
N ASP B 29 -9.67 -1.63 -20.04
CA ASP B 29 -9.07 -2.97 -20.04
C ASP B 29 -7.83 -3.06 -19.13
N TYR B 30 -7.28 -1.91 -18.76
CA TYR B 30 -6.05 -1.86 -17.94
C TYR B 30 -6.27 -1.60 -16.45
N MET B 31 -7.52 -1.77 -16.02
CA MET B 31 -7.89 -1.64 -14.63
C MET B 31 -8.75 -2.85 -14.26
N GLN B 32 -8.58 -3.38 -13.07
CA GLN B 32 -9.34 -4.56 -12.64
C GLN B 32 -10.78 -4.19 -12.27
N HIS B 33 -11.70 -5.14 -12.44
CA HIS B 33 -13.14 -4.89 -12.18
C HIS B 33 -13.69 -5.99 -11.27
N PRO B 34 -14.59 -5.64 -10.35
CA PRO B 34 -15.02 -4.31 -9.95
C PRO B 34 -13.90 -3.64 -9.13
N GLY B 35 -14.04 -2.35 -8.83
CA GLY B 35 -13.22 -1.71 -7.80
C GLY B 35 -13.84 -1.89 -6.42
N LYS B 36 -13.47 -0.99 -5.51
CA LYS B 36 -13.91 -1.05 -4.12
C LYS B 36 -14.12 0.37 -3.63
N VAL B 37 -15.16 0.55 -2.81
N VAL B 37 -15.16 0.57 -2.82
CA VAL B 37 -15.31 1.74 -2.00
CA VAL B 37 -15.27 1.78 -2.02
C VAL B 37 -14.85 1.41 -0.58
C VAL B 37 -14.90 1.45 -0.58
N ILE B 38 -13.99 2.25 -0.02
CA ILE B 38 -13.50 2.08 1.34
C ILE B 38 -13.86 3.32 2.14
N LYS B 39 -14.36 3.11 3.36
CA LYS B 39 -14.50 4.18 4.33
C LYS B 39 -13.62 3.87 5.53
N GLN B 40 -12.61 4.71 5.76
CA GLN B 40 -11.72 4.58 6.93
C GLN B 40 -11.75 5.89 7.69
N ASN B 41 -12.24 5.83 8.93
N ASN B 41 -12.15 5.81 8.95
CA ASN B 41 -12.41 7.02 9.78
CA ASN B 41 -12.44 6.98 9.80
C ASN B 41 -13.07 8.21 9.08
C ASN B 41 -13.06 8.18 9.08
N ASN B 42 -14.30 7.98 8.62
CA ASN B 42 -15.10 9.02 7.93
C ASN B 42 -14.47 9.64 6.65
N LYS B 43 -13.49 8.94 6.06
CA LYS B 43 -12.95 9.34 4.77
C LYS B 43 -13.17 8.24 3.74
N TYR B 44 -13.49 8.65 2.52
CA TYR B 44 -13.90 7.71 1.47
C TYR B 44 -12.82 7.62 0.41
N TYR B 45 -12.60 6.39 -0.08
CA TYR B 45 -11.66 6.14 -1.17
C TYR B 45 -12.31 5.23 -2.18
N PHE B 46 -12.00 5.49 -3.45
CA PHE B 46 -12.22 4.50 -4.48
C PHE B 46 -10.89 3.78 -4.69
N GLN B 47 -10.89 2.47 -4.43
CA GLN B 47 -9.69 1.65 -4.55
C GLN B 47 -9.74 0.83 -5.83
N THR B 48 -8.68 0.94 -6.61
CA THR B 48 -8.67 0.26 -7.89
C THR B 48 -7.28 -0.30 -8.15
N VAL B 49 -7.22 -1.25 -9.09
CA VAL B 49 -5.97 -1.95 -9.36
C VAL B 49 -5.56 -1.71 -10.80
N LEU B 50 -4.36 -1.15 -10.98
CA LEU B 50 -3.86 -0.86 -12.30
C LEU B 50 -3.06 -2.04 -12.80
N ASN B 51 -3.42 -2.55 -13.99
CA ASN B 51 -2.64 -3.59 -14.68
C ASN B 51 -1.56 -2.97 -15.54
N ASN B 52 -0.50 -3.73 -15.77
CA ASN B 52 0.68 -3.22 -16.50
C ASN B 52 1.12 -1.90 -15.89
N ALA B 53 1.26 -1.93 -14.57
CA ALA B 53 1.53 -0.76 -13.74
C ALA B 53 2.70 0.04 -14.24
N SER B 54 3.73 -0.66 -14.72
CA SER B 54 4.93 -0.01 -15.21
C SER B 54 4.67 0.96 -16.38
N PHE B 55 3.56 0.78 -17.11
CA PHE B 55 3.21 1.67 -18.22
C PHE B 55 2.61 3.00 -17.74
N TRP B 56 2.03 3.00 -16.54
CA TRP B 56 1.34 4.18 -16.04
C TRP B 56 2.34 5.15 -15.37
N LYS B 57 2.87 6.11 -16.11
CA LYS B 57 3.89 7.01 -15.57
C LYS B 57 3.30 8.12 -14.69
N GLU B 58 2.15 8.63 -15.09
CA GLU B 58 1.42 9.63 -14.29
C GLU B 58 -0.08 9.38 -14.42
N TYR B 59 -0.80 9.62 -13.33
CA TYR B 59 -2.25 9.48 -13.35
C TYR B 59 -2.79 10.46 -12.32
N LYS B 60 -3.65 11.37 -12.78
CA LYS B 60 -4.32 12.32 -11.89
C LYS B 60 -5.81 12.14 -12.03
N PHE B 61 -6.54 12.29 -10.92
CA PHE B 61 -7.98 12.16 -10.92
C PHE B 61 -8.62 13.46 -10.43
N TYR B 62 -9.79 13.77 -10.97
CA TYR B 62 -10.52 14.98 -10.62
C TYR B 62 -11.99 14.66 -10.57
N ASN B 63 -12.76 15.43 -9.82
CA ASN B 63 -14.21 15.32 -9.95
C ASN B 63 -14.77 16.11 -11.15
N ALA B 64 -16.08 15.97 -11.38
CA ALA B 64 -16.73 16.59 -12.52
C ALA B 64 -16.61 18.13 -12.50
N ASN B 65 -16.37 18.67 -11.31
CA ASN B 65 -16.17 20.12 -11.10
C ASN B 65 -14.71 20.54 -11.07
N ASN B 66 -13.85 19.62 -11.49
CA ASN B 66 -12.41 19.86 -11.65
C ASN B 66 -11.63 19.90 -10.34
N GLN B 67 -12.26 19.56 -9.20
CA GLN B 67 -11.47 19.45 -7.97
C GLN B 67 -10.50 18.29 -8.08
N GLU B 68 -9.31 18.47 -7.50
CA GLU B 68 -8.30 17.42 -7.40
C GLU B 68 -8.69 16.35 -6.39
N LEU B 69 -8.39 15.11 -6.73
CA LEU B 69 -8.69 14.00 -5.86
C LEU B 69 -7.38 13.28 -5.57
N ALA B 70 -6.95 13.37 -4.31
CA ALA B 70 -5.66 12.83 -3.91
C ALA B 70 -5.61 11.34 -4.18
N THR B 71 -4.46 10.87 -4.64
N THR B 71 -4.50 10.89 -4.79
CA THR B 71 -4.30 9.47 -4.98
CA THR B 71 -4.24 9.47 -4.95
C THR B 71 -3.05 8.91 -4.29
C THR B 71 -3.13 9.07 -4.00
N THR B 72 -3.23 7.85 -3.50
CA THR B 72 -2.17 7.24 -2.70
C THR B 72 -1.97 5.83 -3.24
N VAL B 73 -0.75 5.33 -3.17
CA VAL B 73 -0.46 3.99 -3.68
C VAL B 73 -0.44 3.07 -2.48
N VAL B 74 -1.35 2.11 -2.48
CA VAL B 74 -1.44 1.13 -1.42
C VAL B 74 -0.37 0.04 -1.61
N ASN B 75 -0.18 -0.39 -2.84
CA ASN B 75 0.76 -1.47 -3.13
C ASN B 75 1.22 -1.35 -4.56
N ASP B 76 2.50 -1.01 -4.74
CA ASP B 76 3.15 -1.08 -6.03
C ASP B 76 3.77 -2.47 -6.10
N ASN B 77 3.05 -3.40 -6.72
CA ASN B 77 3.41 -4.82 -6.77
C ASN B 77 4.20 -5.12 -8.05
N LYS B 78 5.52 -5.07 -7.91
CA LYS B 78 6.41 -5.16 -9.07
C LYS B 78 6.48 -6.56 -9.63
N LYS B 79 6.39 -7.54 -8.74
CA LYS B 79 6.27 -8.97 -9.09
C LYS B 79 5.10 -9.23 -10.07
N ALA B 80 3.91 -8.73 -9.72
CA ALA B 80 2.72 -8.93 -10.56
C ALA B 80 2.53 -7.82 -11.60
N ASP B 81 3.36 -6.77 -11.51
CA ASP B 81 3.28 -5.59 -12.37
C ASP B 81 1.86 -4.99 -12.25
N THR B 82 1.40 -4.91 -11.01
CA THR B 82 0.14 -4.25 -10.70
C THR B 82 0.36 -3.15 -9.68
N ARG B 83 -0.56 -2.20 -9.59
CA ARG B 83 -0.47 -1.15 -8.59
C ARG B 83 -1.87 -0.89 -8.04
N THR B 84 -2.02 -1.08 -6.73
CA THR B 84 -3.30 -0.81 -6.06
C THR B 84 -3.24 0.62 -5.53
N ILE B 85 -4.22 1.43 -5.94
CA ILE B 85 -4.25 2.83 -5.54
C ILE B 85 -5.57 3.18 -4.86
N ASN B 86 -5.54 4.19 -4.01
CA ASN B 86 -6.75 4.78 -3.44
C ASN B 86 -6.94 6.18 -4.00
N VAL B 87 -8.16 6.47 -4.44
CA VAL B 87 -8.52 7.80 -4.91
C VAL B 87 -9.51 8.41 -3.93
N ALA B 88 -9.15 9.55 -3.33
CA ALA B 88 -10.02 10.17 -2.34
C ALA B 88 -11.32 10.68 -2.97
N VAL B 89 -12.46 10.17 -2.54
CA VAL B 89 -13.75 10.54 -3.14
C VAL B 89 -14.73 11.03 -2.07
N GLU B 90 -15.94 11.39 -2.47
CA GLU B 90 -17.02 11.72 -1.51
C GLU B 90 -18.25 10.93 -1.88
N PRO B 91 -19.10 10.63 -0.89
CA PRO B 91 -20.37 10.02 -1.25
C PRO B 91 -21.12 10.85 -2.27
N GLY B 92 -21.84 10.18 -3.19
CA GLY B 92 -22.56 10.86 -4.25
C GLY B 92 -21.81 11.08 -5.56
N TYR B 93 -20.48 10.91 -5.55
CA TYR B 93 -19.72 11.04 -6.79
C TYR B 93 -20.17 9.96 -7.78
N LYS B 94 -20.34 10.37 -9.04
CA LYS B 94 -20.77 9.46 -10.11
C LYS B 94 -19.67 9.24 -11.12
N SER B 95 -18.79 10.22 -11.25
CA SER B 95 -17.77 10.15 -12.26
C SER B 95 -16.48 10.84 -11.85
N LEU B 96 -15.36 10.33 -12.38
CA LEU B 96 -14.05 10.93 -12.15
C LEU B 96 -13.43 11.26 -13.50
N THR B 97 -12.79 12.41 -13.62
CA THR B 97 -11.98 12.70 -14.81
C THR B 97 -10.60 12.16 -14.52
N THR B 98 -9.99 11.45 -15.47
CA THR B 98 -8.63 10.99 -15.24
C THR B 98 -7.75 11.61 -16.31
N LYS B 99 -6.51 11.91 -15.93
CA LYS B 99 -5.53 12.39 -16.87
C LYS B 99 -4.33 11.51 -16.67
N VAL B 100 -3.95 10.76 -17.70
CA VAL B 100 -2.89 9.77 -17.54
C VAL B 100 -1.75 10.02 -18.53
N HIS B 101 -0.55 9.60 -18.15
CA HIS B 101 0.62 9.65 -19.02
C HIS B 101 1.09 8.21 -19.14
N ILE B 102 0.92 7.63 -20.32
CA ILE B 102 1.22 6.21 -20.52
C ILE B 102 2.45 6.07 -21.40
N VAL B 103 3.41 5.27 -20.92
CA VAL B 103 4.69 5.09 -21.63
C VAL B 103 5.00 3.59 -21.77
N VAL B 104 4.99 3.10 -23.01
CA VAL B 104 5.34 1.70 -23.30
C VAL B 104 6.66 1.73 -24.06
N PRO B 105 7.78 1.56 -23.33
CA PRO B 105 9.12 1.99 -23.82
C PRO B 105 9.68 1.26 -25.08
N GLN B 106 9.49 -0.06 -25.16
N GLN B 106 9.48 -0.06 -25.13
CA GLN B 106 10.07 -0.83 -26.27
CA GLN B 106 10.02 -0.88 -26.22
C GLN B 106 9.31 -0.72 -27.60
C GLN B 106 9.40 -0.56 -27.59
N ILE B 107 8.19 0.00 -27.59
CA ILE B 107 7.50 0.38 -28.83
C ILE B 107 7.42 1.91 -29.00
N ASN B 108 8.12 2.64 -28.13
CA ASN B 108 8.14 4.12 -28.18
C ASN B 108 6.75 4.75 -28.14
N TYR B 109 5.86 4.17 -27.34
CA TYR B 109 4.52 4.71 -27.14
C TYR B 109 4.59 5.67 -25.95
N ASN B 110 4.11 6.89 -26.14
CA ASN B 110 4.30 7.93 -25.13
C ASN B 110 3.23 9.01 -25.21
N HIS B 111 2.12 8.76 -24.54
CA HIS B 111 0.91 9.55 -24.78
C HIS B 111 0.23 10.03 -23.50
N ARG B 112 -0.34 11.23 -23.55
CA ARG B 112 -1.18 11.74 -22.47
C ARG B 112 -2.62 11.70 -22.94
N TYR B 113 -3.53 11.29 -22.06
CA TYR B 113 -4.93 11.22 -22.40
C TYR B 113 -5.79 11.73 -21.26
N THR B 114 -6.97 12.23 -21.60
CA THR B 114 -8.04 12.49 -20.65
C THR B 114 -9.17 11.50 -20.91
N THR B 115 -9.69 10.87 -19.87
CA THR B 115 -10.86 10.00 -19.96
C THR B 115 -11.74 10.27 -18.75
N HIS B 116 -12.94 9.67 -18.75
CA HIS B 116 -13.83 9.76 -17.58
C HIS B 116 -14.24 8.38 -17.08
N LEU B 117 -14.07 8.18 -15.78
CA LEU B 117 -14.37 6.90 -15.16
C LEU B 117 -15.75 7.02 -14.54
N GLU B 118 -16.69 6.23 -15.05
CA GLU B 118 -18.09 6.29 -14.58
C GLU B 118 -18.43 5.15 -13.63
N PHE B 119 -18.81 5.49 -12.38
CA PHE B 119 -19.20 4.47 -11.42
C PHE B 119 -20.57 3.91 -11.81
N GLU B 120 -20.78 2.62 -11.57
CA GLU B 120 -22.07 1.98 -11.88
C GLU B 120 -23.25 2.65 -11.17
N LYS B 121 -23.02 3.00 -9.91
N LYS B 121 -23.02 3.00 -9.91
CA LYS B 121 -23.93 3.88 -9.19
CA LYS B 121 -23.91 3.85 -9.14
C LYS B 121 -23.08 4.78 -8.30
C LYS B 121 -23.05 4.84 -8.38
N ALA B 122 -23.68 5.86 -7.80
CA ALA B 122 -22.97 6.81 -6.92
C ALA B 122 -22.23 6.14 -5.78
N ILE B 123 -21.06 6.67 -5.44
CA ILE B 123 -20.36 6.31 -4.22
C ILE B 123 -21.38 6.43 -3.08
N PRO B 124 -21.58 5.34 -2.31
CA PRO B 124 -22.54 5.32 -1.21
C PRO B 124 -21.98 5.92 0.07
N THR B 125 -22.87 6.33 0.97
CA THR B 125 -22.48 6.46 2.38
C THR B 125 -22.39 5.03 2.93
N LEU B 126 -21.37 4.76 3.73
CA LEU B 126 -21.21 3.45 4.35
C LEU B 126 -21.30 3.61 5.84
N ALA B 127 -21.67 2.54 6.53
CA ALA B 127 -21.84 2.53 8.00
C ALA B 127 -20.53 2.86 8.73
CO COH C . 24.18 -2.79 3.73
CO COH C . 24.14 -2.71 3.85
CHA COH C . 26.53 -4.66 5.53
CHA COH C . 26.45 -4.90 5.43
CHB COH C . 26.78 -0.77 2.42
CHB COH C . 21.49 -4.35 5.42
CHC COH C . 21.86 -1.26 1.57
CHC COH C . 21.82 -0.49 2.32
CHD COH C . 21.53 -4.30 5.53
CHD COH C . 26.81 -1.16 2.12
NA COH C . 26.13 -2.75 3.88
NA COH C . 24.01 -4.19 5.13
C1A COH C . 27.00 -3.56 4.73
C1A COH C . 25.03 -5.07 5.66
C2A COH C . 28.44 -3.40 4.50
C2A COH C . 24.54 -6.03 6.66
C3A COH C . 28.53 -2.26 3.56
C3A COH C . 23.09 -5.86 6.64
C4A COH C . 27.12 -1.85 3.31
C4A COH C . 22.83 -4.72 5.73
CMA COH C . 29.79 -1.62 3.04
CMA COH C . 22.07 -6.62 7.43
CAA COH C . 29.57 -4.20 5.12
CAA COH C . 25.35 -6.99 7.48
CBA COH C . 29.92 -3.75 6.53
CBA COH C . 26.02 -6.17 8.59
CGA COH C . 29.74 -4.88 7.52
CGA COH C . 25.02 -5.45 9.48
O1A COH C . 29.54 -4.60 8.71
O1A COH C . 25.20 -4.23 9.69
O2A COH C . 29.80 -6.07 7.10
O2A COH C . 24.06 -6.08 9.99
NB COH C . 24.34 -1.51 2.24
NB COH C . 22.22 -2.36 4.02
C1B COH C . 25.41 -0.53 2.01
C1B COH C . 21.21 -3.33 4.46
C2B COH C . 25.09 0.59 1.10
C2B COH C . 19.79 -3.02 4.13
C3B COH C . 23.64 0.41 0.86
C3B COH C . 19.94 -1.86 3.24
C4B COH C . 23.21 -0.81 1.60
C4B COH C . 21.37 -1.60 3.10
CMB COH C . 26.02 1.66 0.61
CMB COH C . 18.56 -3.73 4.58
CAB COH C . 22.77 1.29 0.05
CAB COH C . 18.87 -1.12 2.52
CBB COH C . 23.28 2.07 -0.90
CBB COH C . 17.62 -1.52 2.53
NC COH C . 22.22 -2.87 3.50
NC COH C . 24.27 -1.17 2.63
C1C COH C . 21.37 -1.94 2.75
C1C COH C . 23.20 -0.46 1.91
C2C COH C . 19.95 -1.89 3.14
C2C COH C . 23.65 0.50 0.88
C3C COH C . 19.91 -2.80 4.30
C3C COH C . 25.10 0.29 0.84
C4C COH C . 21.26 -3.31 4.52
C4C COH C . 25.46 -0.72 1.86
CMC COH C . 18.84 -1.09 2.53
CMC COH C . 22.80 1.40 0.03
CAC COH C . 18.74 -3.13 5.14
CAC COH C . 26.02 0.99 -0.08
CBC COH C . 17.55 -3.19 4.59
CBC COH C . 27.16 0.41 -0.36
ND COH C . 24.03 -4.04 5.23
ND COH C . 26.05 -3.09 3.63
C1D COH C . 22.87 -4.78 5.71
C1D COH C . 27.08 -2.15 3.14
C2D COH C . 23.21 -5.86 6.66
C2D COH C . 28.47 -2.44 3.58
C3D COH C . 24.68 -5.95 6.65
C3D COH C . 28.34 -3.54 4.54
C4D COH C . 25.13 -4.87 5.75
C4D COH C . 26.90 -3.85 4.55
CMD COH C . 22.24 -6.75 7.40
CMD COH C . 29.74 -1.73 3.20
CAD COH C . 25.53 -6.92 7.41
CAD COH C . 29.42 -4.24 5.36
CBD COH C . 26.11 -6.17 8.62
CBD COH C . 29.49 -3.67 6.78
CGD COH C . 25.05 -5.46 9.44
CGD COH C . 29.60 -4.78 7.81
O1D COH C . 24.08 -6.11 9.91
O1D COH C . 29.59 -5.99 7.43
O2D COH C . 25.18 -4.23 9.61
O2D COH C . 29.70 -4.47 9.01
C1 GOL D . 7.87 -8.71 -1.60
O1 GOL D . 8.71 -7.62 -1.89
C2 GOL D . 8.23 -9.25 -0.22
O2 GOL D . 9.43 -9.98 -0.31
C3 GOL D . 7.08 -10.13 0.28
O3 GOL D . 7.55 -11.20 1.08
CO COH E . -3.55 2.93 -25.47
CO COH E . -3.68 2.85 -25.43
CHA COH E . -5.59 4.90 -27.59
CHA COH E . -5.52 4.98 -27.54
CHB COH E . -2.29 1.20 -28.24
CHB COH E . -4.96 4.52 -22.59
CHC COH E . -1.28 1.22 -23.36
CHC COH E . -2.07 0.53 -23.34
CHD COH E . -5.22 4.27 -22.64
CHD COH E . -2.04 1.47 -28.26
NA COH E . -3.82 3.06 -27.42
NA COH E . -4.95 4.31 -25.14
C1A COH E . -4.76 3.87 -28.18
C1A COH E . -5.59 5.18 -26.12
C2A COH E . -4.60 3.77 -29.65
C2A COH E . -6.57 6.13 -25.53
C3A COH E . -3.61 2.69 -29.83
C3A COH E . -6.41 6.00 -24.07
C4A COH E . -3.18 2.31 -28.46
C4A COH E . -5.39 4.94 -23.89
CMA COH E . -3.12 2.11 -31.13
CMA COH E . -7.12 6.77 -23.00
CAA COH E . -5.34 4.57 -30.70
CAA COH E . -7.49 7.05 -26.27
CBA COH E . -6.75 4.07 -30.89
CBA COH E . -8.63 6.22 -26.87
CGA COH E . -7.76 5.19 -30.69
CGA COH E . -9.43 5.48 -25.80
O1A COH E . -7.37 6.37 -30.80
O1A COH E . -9.68 4.25 -25.96
O2A COH E . -8.95 4.88 -30.42
O2A COH E . -9.82 6.10 -24.80
NB COH E . -2.03 1.72 -25.76
NB COH E . -3.72 2.45 -23.53
C1B COH E . -1.86 0.83 -26.92
C1B COH E . -4.04 3.42 -22.44
C2B COH E . -1.00 -0.37 -26.73
C2B COH E . -3.61 3.06 -21.08
C3B COH E . -0.69 -0.33 -25.30
C3B COH E . -2.77 1.88 -21.32
C4B COH E . -1.40 0.85 -24.75
C4B COH E . -2.76 1.64 -22.77
CMB COH E . -0.55 -1.39 -27.74
CMB COH E . -3.95 3.76 -19.79
CAB COH E . 0.10 -1.32 -24.53
CAB COH E . -2.02 1.09 -20.32
CBB COH E . 1.16 -1.89 -25.08
CBB COH E . -2.16 1.38 -19.04
NC COH E . -3.23 2.87 -23.53
NC COH E . -2.48 1.31 -25.74
C1C COH E . -2.41 1.91 -22.77
C1C COH E . -1.69 0.59 -24.73
C2C COH E . -2.66 1.88 -21.31
C2C COH E . -0.59 -0.26 -25.26
C3C COH E . -3.80 2.79 -21.16
C3C COH E . -0.63 0.04 -26.70
C4C COH E . -4.15 3.32 -22.47
C4C COH E . -1.69 1.03 -26.94
CMC COH E . -1.94 1.07 -20.28
CMC COH E . 0.33 -1.17 -24.48
CAC COH E . -4.53 3.13 -19.92
CAC COH E . 0.25 -0.48 -27.75
CBC COH E . -4.03 2.76 -18.78
CBC COH E . -0.32 -1.38 -28.52
ND COH E . -5.11 4.10 -25.18
ND COH E . -3.61 3.29 -27.35
C1D COH E . -5.51 4.78 -23.95
C1D COH E . -3.12 2.41 -28.43
C2D COH E . -6.46 5.90 -24.12
C2D COH E . -3.68 2.67 -29.78
C3D COH E . -6.56 6.08 -25.58
C3D COH E . -4.71 3.70 -29.56
C4D COH E . -5.68 5.05 -26.15
C4D COH E . -4.65 3.99 -28.11
CMD COH E . -7.12 6.71 -23.05
CMD COH E . -3.32 1.99 -31.06
CAD COH E . -7.38 7.10 -26.32
CAD COH E . -5.63 4.34 -30.58
CBD COH E . -8.63 6.40 -26.85
CBD COH E . -7.07 3.84 -30.36
CGD COH E . -9.35 5.60 -25.78
CGD COH E . -8.07 4.96 -30.52
O1D COH E . -9.69 6.19 -24.73
O1D COH E . -7.68 6.15 -30.62
O2D COH E . -9.59 4.38 -25.97
O2D COH E . -9.28 4.65 -30.56
S SO4 F . 7.21 -6.15 -4.72
O1 SO4 F . 8.65 -6.26 -4.44
O2 SO4 F . 6.47 -6.56 -3.53
O3 SO4 F . 6.92 -4.76 -5.08
O4 SO4 F . 6.84 -7.03 -5.83
C1 GOL G . -8.70 -6.94 -18.46
O1 GOL G . -9.20 -6.41 -19.67
C2 GOL G . -9.83 -7.14 -17.47
O2 GOL G . -9.41 -8.00 -16.42
C3 GOL G . -10.29 -5.81 -16.89
O3 GOL G . -11.15 -6.04 -15.78
C1 GOL H . -9.93 19.01 -16.90
O1 GOL H . -10.16 17.98 -17.83
C2 GOL H . -9.65 18.42 -15.51
O2 GOL H . -10.81 18.56 -14.71
C3 GOL H . -8.47 19.14 -14.85
O3 GOL H . -8.81 20.46 -14.47
#